data_3K33
#
_entry.id   3K33
#
_cell.length_a   48.295
_cell.length_b   48.295
_cell.length_c   347.321
_cell.angle_alpha   90.00
_cell.angle_beta   90.00
_cell.angle_gamma   120.00
#
_symmetry.space_group_name_H-M   'P 32 2 1'
#
loop_
_entity.id
_entity.type
_entity.pdbx_description
1 polymer 'Death on curing protein'
2 polymer 'Prevent host death protein'
3 polymer 'Polypeptide of unknown amino acids and source'
4 non-polymer 'ACETATE ION'
5 water water
#
loop_
_entity_poly.entity_id
_entity_poly.type
_entity_poly.pdbx_seq_one_letter_code
_entity_poly.pdbx_strand_id
1 'polypeptide(L)'
;MRHISPEELIALHDANISRYGGLPGMSDPGRAEAIIGRVQARVAYEEITDLFEVSATYLVATARGHIFNDANKRTALNSA
LLFLRRNGVQVFDSPELADLTVGAATGEISVSSVADTLRRLYGSAE
;
A
2 'polypeptide(L)' MQSINFRTARGNLSEVLNNVEAGEEVEITRRGREPAVIVSKATFEAYKKAALDAEFASLFDTLDSTNKELVNR B,C,D
3 'polypeptide(L)' (UNK)(UNK)(UNK)(UNK)(UNK)(UNK)(UNK)(UNK)(UNK)(UNK)(UNK)(UNK) E
#
loop_
_chem_comp.id
_chem_comp.type
_chem_comp.name
_chem_comp.formula
ACT non-polymer 'ACETATE ION' 'C2 H3 O2 -1'
#
# COMPACT_ATOMS: atom_id res chain seq x y z
N MET A 1 -1.57 -10.22 -14.15
CA MET A 1 -0.57 -10.38 -13.06
C MET A 1 -1.05 -9.69 -11.80
N ARG A 2 -0.63 -10.21 -10.65
CA ARG A 2 -0.91 -9.55 -9.37
C ARG A 2 0.19 -8.55 -9.16
N HIS A 3 -0.17 -7.42 -8.56
CA HIS A 3 0.78 -6.38 -8.25
C HIS A 3 0.89 -6.14 -6.75
N ILE A 4 1.84 -5.28 -6.37
CA ILE A 4 2.00 -4.88 -4.98
C ILE A 4 1.46 -3.45 -4.97
N SER A 5 0.52 -3.18 -4.07
CA SER A 5 -0.01 -1.83 -3.98
C SER A 5 0.91 -0.99 -3.09
N PRO A 6 0.88 0.33 -3.28
CA PRO A 6 1.68 1.24 -2.47
C PRO A 6 1.48 0.93 -0.99
N GLU A 7 0.23 0.68 -0.61
CA GLU A 7 -0.13 0.39 0.77
C GLU A 7 0.48 -0.93 1.28
N GLU A 8 0.56 -1.92 0.40
CA GLU A 8 1.21 -3.18 0.73
C GLU A 8 2.72 -3.00 0.86
N LEU A 9 3.28 -2.07 0.09
CA LEU A 9 4.72 -1.82 0.17
C LEU A 9 5.04 -1.20 1.52
N ILE A 10 4.20 -0.25 1.94
CA ILE A 10 4.36 0.39 3.24
C ILE A 10 4.33 -0.66 4.34
N ALA A 11 3.35 -1.56 4.26
CA ALA A 11 3.19 -2.63 5.24
C ALA A 11 4.33 -3.65 5.20
N LEU A 12 4.78 -3.99 4.01
CA LEU A 12 5.90 -4.92 3.85
C LEU A 12 7.15 -4.32 4.51
N HIS A 13 7.28 -3.00 4.38
CA HIS A 13 8.40 -2.26 4.93
C HIS A 13 8.30 -2.12 6.44
N ASP A 14 7.10 -1.84 6.93
CA ASP A 14 6.89 -1.71 8.38
C ASP A 14 7.18 -3.00 9.12
N ALA A 15 6.70 -4.12 8.59
CA ALA A 15 6.99 -5.43 9.19
C ALA A 15 8.50 -5.72 9.21
N ASN A 16 9.18 -5.35 8.13
CA ASN A 16 10.62 -5.58 8.00
C ASN A 16 11.37 -4.67 8.96
N ILE A 17 10.92 -3.42 9.07
CA ILE A 17 11.52 -2.48 10.01
C ILE A 17 11.43 -3.00 11.45
N SER A 18 10.31 -3.63 11.79
CA SER A 18 10.12 -4.12 13.15
C SER A 18 10.81 -5.48 13.41
N ARG A 19 10.95 -6.29 12.36
CA ARG A 19 11.56 -7.60 12.51
C ARG A 19 13.09 -7.59 12.39
N TYR A 20 13.62 -6.64 11.64
CA TYR A 20 15.05 -6.58 11.37
C TYR A 20 15.69 -5.29 11.85
N GLY A 21 14.84 -4.31 12.11
CA GLY A 21 15.30 -3.01 12.61
C GLY A 21 15.45 -1.92 11.56
N GLY A 22 15.70 -0.71 12.04
CA GLY A 22 15.95 0.45 11.18
C GLY A 22 15.09 1.62 11.60
N LEU A 23 15.39 2.80 11.04
CA LEU A 23 14.57 3.98 11.30
C LEU A 23 13.21 3.81 10.60
N PRO A 24 12.12 4.23 11.26
CA PRO A 24 10.77 4.03 10.71
C PRO A 24 10.25 5.18 9.83
N GLY A 25 9.17 4.91 9.11
CA GLY A 25 8.49 5.94 8.32
C GLY A 25 8.95 6.15 6.89
N MET A 26 8.19 6.98 6.18
CA MET A 26 8.47 7.35 4.80
C MET A 26 9.32 8.59 4.79
N SER A 27 10.10 8.75 3.73
CA SER A 27 10.94 9.94 3.60
C SER A 27 10.10 11.18 3.30
N ASP A 28 8.93 10.97 2.72
CA ASP A 28 8.05 12.06 2.34
C ASP A 28 6.63 11.54 2.21
N PRO A 29 5.65 12.32 2.71
CA PRO A 29 4.25 11.92 2.64
C PRO A 29 3.81 11.49 1.23
N GLY A 30 3.18 10.32 1.14
CA GLY A 30 2.69 9.82 -0.13
C GLY A 30 3.71 9.39 -1.18
N ARG A 31 4.97 9.18 -0.79
CA ARG A 31 6.02 8.80 -1.76
C ARG A 31 5.90 7.37 -2.26
N ALA A 32 5.31 6.48 -1.47
CA ALA A 32 5.12 5.09 -1.90
C ALA A 32 4.11 5.03 -3.06
N GLU A 33 3.01 5.79 -2.93
CA GLU A 33 2.02 5.84 -3.98
C GLU A 33 2.63 6.48 -5.21
N ALA A 34 3.47 7.49 -4.99
CA ALA A 34 4.14 8.16 -6.10
C ALA A 34 5.07 7.24 -6.89
N ILE A 35 5.90 6.45 -6.20
CA ILE A 35 6.85 5.57 -6.88
C ILE A 35 6.21 4.29 -7.42
N ILE A 36 5.53 3.55 -6.56
CA ILE A 36 4.87 2.32 -6.96
C ILE A 36 3.76 2.55 -7.98
N GLY A 37 3.01 3.64 -7.82
CA GLY A 37 2.01 3.98 -8.82
C GLY A 37 2.69 4.15 -10.15
N ARG A 38 3.86 4.81 -10.14
CA ARG A 38 4.62 5.02 -11.37
C ARG A 38 5.23 3.74 -11.91
N VAL A 39 5.57 2.82 -11.01
CA VAL A 39 6.07 1.51 -11.40
C VAL A 39 5.00 0.76 -12.20
N GLN A 40 3.79 0.72 -11.66
CA GLN A 40 2.67 0.06 -12.34
C GLN A 40 2.23 0.77 -13.63
N ALA A 41 2.36 2.09 -13.67
CA ALA A 41 1.99 2.85 -14.86
C ALA A 41 3.05 2.62 -15.94
N ARG A 42 4.31 2.44 -15.53
CA ARG A 42 5.40 2.16 -16.45
C ARG A 42 5.15 0.80 -17.11
N VAL A 43 4.72 -0.15 -16.28
CA VAL A 43 4.40 -1.49 -16.74
C VAL A 43 3.24 -1.44 -17.73
N ALA A 44 2.20 -0.70 -17.39
CA ALA A 44 1.02 -0.58 -18.26
C ALA A 44 1.33 0.20 -19.52
N TYR A 45 2.12 1.27 -19.37
CA TYR A 45 2.47 2.16 -20.47
C TYR A 45 3.42 1.50 -21.48
N GLU A 46 4.43 0.79 -20.98
CA GLU A 46 5.37 0.07 -21.83
C GLU A 46 4.88 -1.34 -22.16
N GLU A 47 3.75 -1.72 -21.57
CA GLU A 47 3.19 -3.05 -21.75
C GLU A 47 4.23 -4.12 -21.45
N ILE A 48 4.67 -4.15 -20.21
CA ILE A 48 5.65 -5.14 -19.78
C ILE A 48 4.90 -6.37 -19.30
N THR A 49 5.16 -7.52 -19.93
CA THR A 49 4.48 -8.77 -19.58
C THR A 49 5.39 -9.81 -18.94
N ASP A 50 6.69 -9.72 -19.21
CA ASP A 50 7.61 -10.66 -18.59
C ASP A 50 7.66 -10.39 -17.09
N LEU A 51 7.35 -11.43 -16.32
CA LEU A 51 7.29 -11.29 -14.87
C LEU A 51 8.61 -10.87 -14.23
N PHE A 52 9.71 -11.23 -14.86
CA PHE A 52 11.02 -10.91 -14.33
C PHE A 52 11.42 -9.46 -14.62
N GLU A 53 10.95 -8.92 -15.75
CA GLU A 53 11.21 -7.52 -16.09
C GLU A 53 10.38 -6.63 -15.16
N VAL A 54 9.18 -7.09 -14.84
CA VAL A 54 8.27 -6.36 -13.96
C VAL A 54 8.82 -6.38 -12.53
N SER A 55 9.26 -7.55 -12.08
CA SER A 55 9.85 -7.72 -10.75
C SER A 55 11.07 -6.81 -10.56
N ALA A 56 11.96 -6.81 -11.54
CA ALA A 56 13.16 -5.99 -11.56
C ALA A 56 12.81 -4.51 -11.49
N THR A 57 11.70 -4.13 -12.09
CA THR A 57 11.25 -2.74 -12.08
C THR A 57 10.91 -2.35 -10.66
N TYR A 58 10.23 -3.25 -9.95
CA TYR A 58 9.91 -3.05 -8.53
C TYR A 58 11.19 -2.95 -7.74
N LEU A 59 12.11 -3.85 -8.03
CA LEU A 59 13.35 -3.90 -7.29
C LEU A 59 14.12 -2.59 -7.48
N VAL A 60 14.37 -2.21 -8.73
CA VAL A 60 15.12 -0.98 -9.01
C VAL A 60 14.44 0.30 -8.51
N ALA A 61 13.15 0.46 -8.79
CA ALA A 61 12.46 1.68 -8.34
C ALA A 61 12.54 1.86 -6.82
N THR A 62 12.42 0.77 -6.08
CA THR A 62 12.43 0.84 -4.63
C THR A 62 13.85 0.98 -4.07
N ALA A 63 14.79 0.24 -4.66
CA ALA A 63 16.19 0.29 -4.21
C ALA A 63 16.74 1.71 -4.32
N ARG A 64 16.39 2.40 -5.40
CA ARG A 64 16.89 3.75 -5.62
C ARG A 64 15.92 4.89 -5.25
N GLY A 65 14.63 4.58 -5.11
CA GLY A 65 13.61 5.63 -4.89
C GLY A 65 13.60 6.36 -3.56
N HIS A 66 14.24 5.76 -2.58
CA HIS A 66 14.28 6.30 -1.23
C HIS A 66 12.86 6.69 -0.79
N ILE A 67 11.95 5.73 -0.85
CA ILE A 67 10.58 5.94 -0.40
C ILE A 67 10.57 6.04 1.12
N PHE A 68 11.38 5.23 1.76
CA PHE A 68 11.41 5.16 3.21
C PHE A 68 12.68 5.78 3.79
N ASN A 69 12.61 6.15 5.06
CA ASN A 69 13.79 6.67 5.75
C ASN A 69 14.85 5.57 5.90
N ASP A 70 14.42 4.31 5.90
CA ASP A 70 15.32 3.18 6.10
C ASP A 70 14.69 1.94 5.49
N ALA A 71 15.49 0.88 5.35
CA ALA A 71 15.03 -0.40 4.83
C ALA A 71 14.51 -0.32 3.39
N ASN A 72 15.14 0.52 2.58
CA ASN A 72 14.77 0.67 1.18
C ASN A 72 15.27 -0.52 0.36
N LYS A 73 16.52 -0.91 0.60
CA LYS A 73 17.08 -2.09 -0.07
C LYS A 73 16.31 -3.35 0.30
N ARG A 74 16.11 -3.59 1.59
CA ARG A 74 15.37 -4.79 2.02
C ARG A 74 13.95 -4.81 1.42
N THR A 75 13.25 -3.69 1.49
CA THR A 75 11.90 -3.62 0.90
C THR A 75 11.89 -3.84 -0.63
N ALA A 76 12.97 -3.43 -1.31
CA ALA A 76 13.12 -3.62 -2.75
C ALA A 76 13.22 -5.09 -3.12
N LEU A 77 14.15 -5.79 -2.47
CA LEU A 77 14.33 -7.21 -2.73
C LEU A 77 13.07 -8.01 -2.35
N ASN A 78 12.50 -7.71 -1.18
CA ASN A 78 11.31 -8.43 -0.73
C ASN A 78 10.09 -8.17 -1.61
N SER A 79 9.88 -6.92 -2.01
CA SER A 79 8.73 -6.61 -2.87
C SER A 79 8.87 -7.26 -4.25
N ALA A 80 10.08 -7.27 -4.77
CA ALA A 80 10.38 -7.89 -6.07
C ALA A 80 10.12 -9.40 -6.08
N LEU A 81 10.49 -10.09 -5.00
CA LEU A 81 10.30 -11.54 -4.91
C LEU A 81 8.90 -11.90 -4.45
N LEU A 82 8.30 -11.05 -3.63
CA LEU A 82 6.91 -11.23 -3.26
C LEU A 82 6.04 -11.14 -4.51
N PHE A 83 6.44 -10.27 -5.44
CA PHE A 83 5.76 -10.12 -6.72
C PHE A 83 5.76 -11.43 -7.51
N LEU A 84 6.93 -12.06 -7.59
CA LEU A 84 7.07 -13.30 -8.35
C LEU A 84 6.29 -14.41 -7.69
N ARG A 85 6.43 -14.54 -6.36
CA ARG A 85 5.71 -15.57 -5.63
C ARG A 85 4.21 -15.46 -5.83
N ARG A 86 3.71 -14.22 -5.76
CA ARG A 86 2.29 -13.92 -5.97
C ARG A 86 1.82 -14.23 -7.38
N ASN A 87 2.75 -14.36 -8.31
CA ASN A 87 2.44 -14.65 -9.71
C ASN A 87 2.85 -16.08 -10.13
N GLY A 88 2.94 -16.97 -9.17
CA GLY A 88 3.22 -18.37 -9.47
C GLY A 88 4.67 -18.79 -9.56
N VAL A 89 5.60 -17.85 -9.42
CA VAL A 89 7.02 -18.20 -9.47
C VAL A 89 7.55 -18.42 -8.06
N GLN A 90 8.18 -19.57 -7.86
CA GLN A 90 8.74 -19.96 -6.58
C GLN A 90 10.08 -19.28 -6.38
N VAL A 91 10.30 -18.76 -5.18
CA VAL A 91 11.52 -18.03 -4.85
C VAL A 91 12.19 -18.60 -3.61
N PHE A 92 13.51 -18.42 -3.53
CA PHE A 92 14.32 -18.92 -2.43
C PHE A 92 15.51 -18.00 -2.28
N ASP A 93 16.06 -17.90 -1.06
CA ASP A 93 17.20 -17.04 -0.79
C ASP A 93 18.44 -17.49 -1.55
N SER A 94 19.31 -16.53 -1.89
CA SER A 94 20.51 -16.83 -2.66
C SER A 94 21.64 -15.87 -2.31
N PRO A 95 22.90 -16.33 -2.41
CA PRO A 95 24.09 -15.53 -2.12
C PRO A 95 24.26 -14.31 -3.03
N GLU A 96 23.58 -14.32 -4.18
CA GLU A 96 23.62 -13.21 -5.14
C GLU A 96 22.67 -12.06 -4.82
N LEU A 97 21.62 -12.36 -4.07
CA LEU A 97 20.58 -11.36 -3.78
C LEU A 97 21.08 -10.05 -3.18
N ALA A 98 21.99 -10.14 -2.22
CA ALA A 98 22.55 -8.94 -1.60
C ALA A 98 23.29 -8.05 -2.60
N ASP A 99 24.27 -8.62 -3.33
CA ASP A 99 25.05 -7.84 -4.32
C ASP A 99 24.14 -7.29 -5.41
N LEU A 100 23.23 -8.14 -5.88
CA LEU A 100 22.26 -7.77 -6.89
C LEU A 100 21.46 -6.57 -6.42
N THR A 101 20.96 -6.65 -5.18
CA THR A 101 20.17 -5.56 -4.61
C THR A 101 20.97 -4.29 -4.37
N VAL A 102 22.24 -4.44 -3.97
CA VAL A 102 23.12 -3.28 -3.75
C VAL A 102 23.45 -2.64 -5.11
N GLY A 103 23.65 -3.46 -6.13
CA GLY A 103 23.94 -2.94 -7.46
C GLY A 103 22.75 -2.21 -8.10
N ALA A 104 21.56 -2.71 -7.82
CA ALA A 104 20.35 -2.07 -8.29
C ALA A 104 20.26 -0.70 -7.62
N ALA A 105 20.53 -0.67 -6.32
CA ALA A 105 20.43 0.54 -5.49
C ALA A 105 21.42 1.62 -5.85
N THR A 106 22.62 1.23 -6.25
CA THR A 106 23.67 2.18 -6.62
C THR A 106 23.54 2.64 -8.07
N GLY A 107 22.77 1.91 -8.87
CA GLY A 107 22.58 2.26 -10.27
C GLY A 107 23.60 1.60 -11.18
N GLU A 108 24.34 0.64 -10.65
CA GLU A 108 25.36 -0.07 -11.42
C GLU A 108 24.79 -1.22 -12.24
N ILE A 109 23.68 -1.78 -11.79
CA ILE A 109 23.00 -2.88 -12.50
C ILE A 109 21.65 -2.36 -12.99
N SER A 110 21.41 -2.43 -14.29
CA SER A 110 20.16 -1.93 -14.86
C SER A 110 18.98 -2.89 -14.64
N VAL A 111 17.76 -2.42 -14.88
CA VAL A 111 16.57 -3.26 -14.67
C VAL A 111 16.64 -4.56 -15.45
N SER A 112 16.94 -4.46 -16.75
CA SER A 112 16.98 -5.64 -17.61
C SER A 112 18.01 -6.66 -17.12
N SER A 113 19.11 -6.15 -16.57
CA SER A 113 20.18 -6.98 -16.07
C SER A 113 19.76 -7.63 -14.74
N VAL A 114 19.02 -6.88 -13.92
CA VAL A 114 18.45 -7.40 -12.68
C VAL A 114 17.50 -8.51 -13.06
N ALA A 115 16.69 -8.24 -14.10
CA ALA A 115 15.70 -9.21 -14.57
C ALA A 115 16.33 -10.50 -15.09
N ASP A 116 17.50 -10.39 -15.72
CA ASP A 116 18.20 -11.56 -16.26
C ASP A 116 18.60 -12.52 -15.15
N THR A 117 19.27 -11.97 -14.13
CA THR A 117 19.67 -12.71 -12.96
C THR A 117 18.45 -13.42 -12.35
N LEU A 118 17.36 -12.68 -12.17
CA LEU A 118 16.14 -13.26 -11.61
C LEU A 118 15.59 -14.33 -12.53
N ARG A 119 15.71 -14.15 -13.84
CA ARG A 119 15.23 -15.14 -14.81
C ARG A 119 16.06 -16.42 -14.74
N ARG A 120 17.30 -16.29 -14.31
CA ARG A 120 18.18 -17.44 -14.16
C ARG A 120 17.88 -18.11 -12.81
N LEU A 121 17.80 -17.30 -11.77
CA LEU A 121 17.57 -17.79 -10.42
C LEU A 121 16.25 -18.51 -10.22
N TYR A 122 15.19 -17.99 -10.83
CA TYR A 122 13.83 -18.50 -10.62
C TYR A 122 13.07 -18.82 -11.91
N GLY A 123 13.69 -18.58 -13.05
CA GLY A 123 13.04 -18.85 -14.33
C GLY A 123 12.88 -20.33 -14.63
N SER A 124 12.09 -20.63 -15.66
CA SER A 124 11.83 -22.01 -16.05
C SER A 124 12.56 -22.38 -17.35
N MET B 1 8.88 36.34 -9.69
CA MET B 1 8.80 36.05 -8.23
C MET B 1 9.31 37.20 -7.38
N GLN B 2 8.38 38.00 -6.88
CA GLN B 2 8.68 39.08 -5.97
C GLN B 2 9.05 38.44 -4.63
N SER B 3 9.91 39.10 -3.86
CA SER B 3 10.29 38.59 -2.54
C SER B 3 9.78 39.52 -1.45
N ILE B 4 9.27 38.93 -0.37
CA ILE B 4 8.69 39.71 0.73
C ILE B 4 9.22 39.19 2.07
N ASN B 5 9.61 40.08 2.96
CA ASN B 5 10.07 39.66 4.28
C ASN B 5 8.88 39.17 5.11
N PHE B 6 9.18 38.51 6.21
CA PHE B 6 8.18 37.91 7.10
C PHE B 6 7.10 38.87 7.56
N ARG B 7 7.52 40.00 8.11
CA ARG B 7 6.61 40.99 8.69
C ARG B 7 5.66 41.58 7.66
N THR B 8 6.13 41.74 6.43
CA THR B 8 5.33 42.23 5.33
C THR B 8 4.31 41.18 4.86
N ALA B 9 4.60 39.92 5.14
CA ALA B 9 3.72 38.80 4.79
C ALA B 9 2.64 38.56 5.85
N ARG B 10 3.00 38.81 7.10
CA ARG B 10 2.04 38.70 8.20
C ARG B 10 1.21 39.98 8.17
N GLY B 11 1.80 41.06 7.68
CA GLY B 11 1.15 42.38 7.61
C GLY B 11 0.25 42.64 6.40
N ASN B 12 0.40 41.86 5.34
CA ASN B 12 -0.40 42.01 4.13
C ASN B 12 -0.78 40.63 3.56
N LEU B 13 -1.25 39.72 4.40
CA LEU B 13 -1.47 38.33 3.96
C LEU B 13 -2.64 38.06 3.03
N SER B 14 -3.80 38.66 3.30
CA SER B 14 -4.96 38.46 2.44
C SER B 14 -4.61 38.74 0.99
N GLU B 15 -3.86 39.81 0.78
CA GLU B 15 -3.48 40.24 -0.53
C GLU B 15 -2.28 39.51 -1.11
N VAL B 16 -1.54 38.79 -0.27
CA VAL B 16 -0.47 37.91 -0.75
C VAL B 16 -1.18 36.78 -1.46
N LEU B 17 -2.15 36.19 -0.77
CA LEU B 17 -2.94 35.10 -1.30
C LEU B 17 -3.74 35.51 -2.53
N ASN B 18 -4.17 36.77 -2.62
CA ASN B 18 -4.89 37.24 -3.81
C ASN B 18 -3.97 37.19 -5.00
N ASN B 19 -2.82 37.84 -4.86
CA ASN B 19 -1.78 37.85 -5.89
C ASN B 19 -1.39 36.44 -6.30
N VAL B 20 -1.25 35.58 -5.30
CA VAL B 20 -0.93 34.17 -5.48
C VAL B 20 -2.01 33.48 -6.29
N GLU B 21 -3.27 33.75 -5.96
CA GLU B 21 -4.38 33.20 -6.73
C GLU B 21 -4.36 33.74 -8.15
N ALA B 22 -3.87 34.97 -8.31
CA ALA B 22 -3.78 35.61 -9.63
C ALA B 22 -2.58 35.11 -10.43
N GLY B 23 -1.86 34.12 -9.88
CA GLY B 23 -0.74 33.49 -10.57
C GLY B 23 0.67 33.86 -10.14
N GLU B 24 0.81 34.60 -9.06
CA GLU B 24 2.14 35.01 -8.64
C GLU B 24 2.80 34.04 -7.66
N GLU B 25 4.13 34.00 -7.71
CA GLU B 25 4.94 33.20 -6.79
C GLU B 25 5.60 34.21 -5.88
N VAL B 26 5.37 34.06 -4.57
CA VAL B 26 5.89 35.02 -3.61
C VAL B 26 6.79 34.35 -2.59
N GLU B 27 8.04 34.81 -2.55
CA GLU B 27 9.02 34.31 -1.62
C GLU B 27 8.82 35.08 -0.32
N ILE B 28 8.90 34.36 0.79
CA ILE B 28 8.84 34.96 2.11
C ILE B 28 10.17 34.66 2.81
N THR B 29 10.89 35.71 3.15
CA THR B 29 12.18 35.61 3.83
C THR B 29 12.04 35.85 5.32
N ARG B 30 12.88 35.16 6.10
CA ARG B 30 12.93 35.33 7.56
C ARG B 30 14.40 35.50 7.92
N ARG B 31 14.72 36.58 8.61
CA ARG B 31 16.09 36.85 9.03
C ARG B 31 16.64 35.60 9.74
N GLY B 32 17.71 35.04 9.20
CA GLY B 32 18.33 33.87 9.82
C GLY B 32 17.63 32.55 9.59
N ARG B 33 16.78 32.49 8.57
CA ARG B 33 16.08 31.26 8.23
C ARG B 33 16.07 31.05 6.73
N GLU B 34 15.70 29.84 6.31
CA GLU B 34 15.55 29.52 4.89
C GLU B 34 14.24 30.08 4.37
N PRO B 35 14.26 30.72 3.18
CA PRO B 35 13.07 31.28 2.59
C PRO B 35 12.01 30.25 2.17
N ALA B 36 10.75 30.66 2.22
CA ALA B 36 9.64 29.83 1.82
C ALA B 36 9.05 30.46 0.57
N VAL B 37 8.11 29.77 -0.04
CA VAL B 37 7.39 30.29 -1.18
C VAL B 37 5.93 29.94 -1.05
N ILE B 38 5.08 30.90 -1.40
CA ILE B 38 3.65 30.65 -1.43
C ILE B 38 3.25 30.68 -2.88
N VAL B 39 2.55 29.63 -3.31
CA VAL B 39 2.13 29.54 -4.71
C VAL B 39 0.80 28.81 -4.69
N SER B 40 0.01 28.95 -5.75
CA SER B 40 -1.27 28.26 -5.80
C SER B 40 -1.06 26.77 -5.72
N LYS B 41 -2.00 26.10 -5.06
CA LYS B 41 -1.89 24.66 -4.93
C LYS B 41 -1.86 23.97 -6.31
N ALA B 42 -2.73 24.42 -7.22
CA ALA B 42 -2.78 23.85 -8.57
C ALA B 42 -1.42 23.85 -9.26
N THR B 43 -0.72 24.98 -9.22
CA THR B 43 0.60 25.11 -9.82
C THR B 43 1.59 24.21 -9.10
N PHE B 44 1.54 24.21 -7.77
CA PHE B 44 2.44 23.36 -6.97
C PHE B 44 2.26 21.89 -7.32
N GLU B 45 1.01 21.42 -7.29
CA GLU B 45 0.74 20.03 -7.62
C GLU B 45 1.30 19.64 -9.00
N ALA B 46 1.15 20.52 -9.98
CA ALA B 46 1.65 20.26 -11.33
C ALA B 46 3.18 20.24 -11.39
N TYR B 47 3.82 21.07 -10.57
CA TYR B 47 5.29 21.10 -10.53
C TYR B 47 5.82 19.86 -9.85
N LYS B 48 5.19 19.50 -8.74
CA LYS B 48 5.57 18.31 -7.98
C LYS B 48 5.39 17.04 -8.81
N LYS B 49 4.29 16.96 -9.54
CA LYS B 49 4.07 15.82 -10.43
C LYS B 49 5.22 15.64 -11.44
N ALA B 50 5.64 16.76 -12.03
CA ALA B 50 6.72 16.74 -13.02
C ALA B 50 8.07 16.39 -12.37
N ALA B 51 8.26 16.86 -11.14
CA ALA B 51 9.49 16.57 -10.37
C ALA B 51 9.55 15.10 -10.04
N LEU B 52 8.42 14.52 -9.67
CA LEU B 52 8.34 13.09 -9.38
C LEU B 52 8.47 12.24 -10.64
N ASP B 53 7.85 12.66 -11.75
CA ASP B 53 8.07 11.95 -13.01
C ASP B 53 9.56 11.93 -13.34
N ALA B 54 10.24 13.04 -13.07
CA ALA B 54 11.65 13.18 -13.38
C ALA B 54 12.49 12.28 -12.46
N GLU B 55 12.20 12.34 -11.16
CA GLU B 55 12.91 11.53 -10.19
C GLU B 55 12.77 10.07 -10.58
N PHE B 56 11.54 9.64 -10.82
CA PHE B 56 11.27 8.28 -11.24
C PHE B 56 12.08 7.84 -12.46
N ALA B 57 12.08 8.67 -13.51
CA ALA B 57 12.88 8.39 -14.72
C ALA B 57 14.37 8.21 -14.38
N SER B 58 14.89 9.10 -13.53
CA SER B 58 16.30 9.06 -13.15
C SER B 58 16.68 7.71 -12.53
N LEU B 59 15.73 7.04 -11.89
CA LEU B 59 15.95 5.73 -11.28
C LEU B 59 16.36 4.66 -12.30
N PHE B 60 15.95 4.84 -13.55
CA PHE B 60 16.22 3.86 -14.61
C PHE B 60 17.39 4.22 -15.52
N ASP B 61 18.12 5.26 -15.14
CA ASP B 61 19.35 5.66 -15.81
C ASP B 61 20.50 5.16 -14.94
N THR B 62 21.27 4.20 -15.47
CA THR B 62 22.39 3.68 -14.71
C THR B 62 23.53 4.70 -14.59
N LEU B 63 24.55 4.35 -13.81
CA LEU B 63 25.71 5.20 -13.62
C LEU B 63 26.46 5.38 -14.94
N ASP B 64 26.18 4.51 -15.89
CA ASP B 64 26.83 4.57 -17.19
C ASP B 64 26.30 5.74 -18.02
N SER B 65 24.98 5.88 -18.05
CA SER B 65 24.34 6.98 -18.80
C SER B 65 24.48 8.37 -18.13
N THR B 66 25.05 8.39 -16.93
CA THR B 66 25.08 9.60 -16.10
C THR B 66 26.40 9.85 -15.33
N ASN B 67 27.47 10.21 -16.03
CA ASN B 67 27.55 10.19 -17.49
C ASN B 67 28.97 10.42 -17.98
N MET C 1 -23.76 -14.18 8.27
CA MET C 1 -23.63 -12.83 7.74
C MET C 1 -24.84 -12.45 6.90
N GLN C 2 -25.66 -11.53 7.42
CA GLN C 2 -26.86 -11.08 6.72
C GLN C 2 -26.53 -10.65 5.30
N SER C 3 -27.33 -11.11 4.34
CA SER C 3 -27.13 -10.77 2.95
C SER C 3 -28.27 -9.88 2.46
N ILE C 4 -27.99 -8.58 2.33
CA ILE C 4 -29.00 -7.60 1.94
C ILE C 4 -28.94 -7.12 0.48
N ASN C 5 -30.10 -6.77 -0.06
CA ASN C 5 -30.25 -6.25 -1.42
C ASN C 5 -29.57 -4.90 -1.60
N PHE C 6 -29.60 -4.37 -2.82
CA PHE C 6 -29.00 -3.07 -3.10
C PHE C 6 -29.85 -1.97 -2.46
N ARG C 7 -31.16 -2.04 -2.69
CA ARG C 7 -32.12 -1.09 -2.13
C ARG C 7 -32.00 -1.00 -0.61
N THR C 8 -32.23 -2.16 0.06
CA THR C 8 -32.19 -2.17 1.52
C THR C 8 -30.95 -1.48 2.05
N ALA C 9 -29.80 -1.89 1.46
CA ALA C 9 -28.51 -1.30 1.77
C ALA C 9 -28.53 0.22 1.58
N ARG C 10 -28.84 0.66 0.37
CA ARG C 10 -28.85 2.08 0.02
C ARG C 10 -29.92 2.91 0.75
N GLY C 11 -31.03 2.26 1.10
CA GLY C 11 -32.12 2.93 1.80
C GLY C 11 -31.95 2.99 3.31
N ASN C 12 -31.30 1.98 3.88
CA ASN C 12 -31.05 1.91 5.32
C ASN C 12 -29.56 1.64 5.58
N LEU C 13 -28.73 2.64 5.27
CA LEU C 13 -27.27 2.58 5.38
C LEU C 13 -26.72 2.88 6.79
N SER C 14 -27.15 4.01 7.37
CA SER C 14 -26.73 4.40 8.72
C SER C 14 -27.08 3.30 9.71
N GLU C 15 -28.23 2.65 9.49
CA GLU C 15 -28.68 1.53 10.31
C GLU C 15 -27.74 0.35 10.11
N VAL C 16 -27.33 0.14 8.86
CA VAL C 16 -26.38 -0.92 8.53
C VAL C 16 -25.08 -0.67 9.28
N LEU C 17 -24.55 0.56 9.18
CA LEU C 17 -23.33 0.97 9.85
C LEU C 17 -23.48 0.89 11.36
N ASN C 18 -24.73 0.88 11.85
CA ASN C 18 -24.99 0.70 13.27
C ASN C 18 -24.80 -0.75 13.71
N ASN C 19 -25.38 -1.68 12.90
CA ASN C 19 -25.23 -3.12 13.13
C ASN C 19 -23.77 -3.54 12.99
N VAL C 20 -23.13 -3.10 11.91
CA VAL C 20 -21.73 -3.43 11.67
C VAL C 20 -20.87 -3.13 12.88
N GLU C 21 -20.89 -1.91 13.39
CA GLU C 21 -20.03 -1.63 14.52
C GLU C 21 -20.30 -2.54 15.68
N ALA C 22 -21.50 -3.07 15.79
CA ALA C 22 -21.77 -4.04 16.83
C ALA C 22 -21.04 -5.36 16.60
N GLY C 23 -20.18 -5.38 15.58
CA GLY C 23 -19.50 -6.60 15.18
C GLY C 23 -20.06 -7.40 14.01
N GLU C 24 -21.28 -7.11 13.57
CA GLU C 24 -21.86 -7.92 12.51
C GLU C 24 -21.50 -7.49 11.08
N GLU C 25 -20.85 -8.41 10.35
CA GLU C 25 -20.47 -8.17 8.97
C GLU C 25 -21.66 -8.42 8.04
N VAL C 26 -21.92 -7.47 7.10
CA VAL C 26 -23.09 -7.57 6.25
C VAL C 26 -22.69 -7.55 4.77
N GLU C 27 -23.10 -8.63 4.04
CA GLU C 27 -22.92 -8.73 2.60
C GLU C 27 -24.05 -8.01 1.88
N ILE C 28 -23.67 -7.19 0.89
CA ILE C 28 -24.63 -6.49 0.05
C ILE C 28 -24.54 -7.09 -1.35
N THR C 29 -25.69 -7.44 -1.92
CA THR C 29 -25.72 -8.06 -3.25
C THR C 29 -26.28 -7.15 -4.34
N ARG C 30 -25.78 -7.34 -5.56
CA ARG C 30 -26.27 -6.61 -6.73
C ARG C 30 -26.62 -7.63 -7.82
N ARG C 31 -27.74 -7.41 -8.51
CA ARG C 31 -28.19 -8.30 -9.59
C ARG C 31 -27.21 -8.27 -10.78
N GLY C 32 -26.73 -9.45 -11.16
CA GLY C 32 -25.77 -9.51 -12.25
C GLY C 32 -24.46 -8.94 -11.73
N ARG C 33 -24.28 -8.93 -10.40
CA ARG C 33 -23.11 -8.37 -9.75
C ARG C 33 -22.42 -9.32 -8.73
N GLU C 34 -21.10 -9.30 -8.74
CA GLU C 34 -20.33 -9.94 -7.72
C GLU C 34 -20.65 -9.32 -6.40
N PRO C 35 -20.75 -10.10 -5.33
CA PRO C 35 -21.07 -9.48 -4.05
C PRO C 35 -19.95 -8.68 -3.36
N ALA C 36 -20.35 -7.88 -2.39
CA ALA C 36 -19.42 -7.11 -1.57
C ALA C 36 -19.84 -7.43 -0.15
N VAL C 37 -19.17 -6.89 0.82
CA VAL C 37 -19.47 -7.09 2.23
C VAL C 37 -19.01 -5.90 3.07
N ILE C 38 -19.41 -5.81 4.29
CA ILE C 38 -18.99 -4.68 5.10
C ILE C 38 -19.07 -4.90 6.59
N VAL C 39 -17.97 -4.60 7.27
CA VAL C 39 -17.92 -4.65 8.72
C VAL C 39 -16.87 -3.64 9.17
N SER C 40 -16.75 -3.45 10.48
CA SER C 40 -15.82 -2.47 11.04
C SER C 40 -14.44 -2.50 10.42
N LYS C 41 -13.87 -1.32 10.18
CA LYS C 41 -12.49 -1.22 9.73
C LYS C 41 -11.63 -2.14 10.59
N ALA C 42 -11.98 -2.21 11.88
CA ALA C 42 -11.29 -3.05 12.87
C ALA C 42 -11.31 -4.53 12.49
N THR C 43 -12.49 -5.04 12.10
CA THR C 43 -12.63 -6.44 11.72
C THR C 43 -12.26 -6.70 10.26
N PHE C 44 -12.08 -5.63 9.49
CA PHE C 44 -11.57 -5.76 8.12
C PHE C 44 -10.06 -5.69 8.18
N GLU C 45 -9.57 -4.73 8.96
CA GLU C 45 -8.14 -4.52 9.17
C GLU C 45 -7.51 -5.67 9.94
N ALA C 46 -8.29 -6.29 10.83
CA ALA C 46 -7.80 -7.44 11.60
C ALA C 46 -7.54 -8.64 10.69
N TYR C 47 -8.47 -8.92 9.76
CA TYR C 47 -8.32 -10.02 8.82
C TYR C 47 -7.18 -9.73 7.84
N LYS C 48 -7.18 -8.54 7.23
CA LYS C 48 -6.14 -8.24 6.26
C LYS C 48 -4.79 -8.00 6.91
N LYS C 49 -4.77 -7.47 8.12
CA LYS C 49 -3.51 -7.41 8.85
C LYS C 49 -3.02 -8.82 9.13
N ALA C 50 -3.96 -9.70 9.50
CA ALA C 50 -3.64 -11.11 9.77
C ALA C 50 -3.02 -11.79 8.54
N ALA C 51 -3.67 -11.66 7.38
CA ALA C 51 -3.22 -12.29 6.15
C ALA C 51 -1.86 -11.80 5.66
N LEU C 52 -1.69 -10.47 5.57
CA LEU C 52 -0.44 -9.88 5.08
C LEU C 52 0.71 -10.15 6.04
N ASP C 53 0.46 -10.11 7.34
CA ASP C 53 1.50 -10.43 8.31
C ASP C 53 2.10 -11.80 8.05
N ALA C 54 1.23 -12.75 7.70
CA ALA C 54 1.66 -14.11 7.45
C ALA C 54 2.34 -14.25 6.10
N GLU C 55 1.82 -13.53 5.10
CA GLU C 55 2.38 -13.53 3.75
C GLU C 55 3.78 -12.91 3.78
N PHE C 56 3.98 -11.87 4.58
CA PHE C 56 5.28 -11.24 4.71
C PHE C 56 6.20 -12.08 5.59
N ALA C 57 5.67 -12.51 6.74
CA ALA C 57 6.41 -13.28 7.73
C ALA C 57 7.16 -14.46 7.14
N SER C 58 6.51 -15.15 6.21
CA SER C 58 7.11 -16.32 5.56
C SER C 58 8.03 -15.88 4.45
N LEU C 59 7.74 -14.70 3.88
CA LEU C 59 8.61 -14.11 2.87
C LEU C 59 9.95 -13.88 3.56
N PHE C 60 9.87 -13.23 4.73
CA PHE C 60 11.05 -12.94 5.54
C PHE C 60 11.79 -14.20 5.98
N ASP C 61 11.06 -15.24 6.35
CA ASP C 61 11.70 -16.52 6.70
C ASP C 61 12.58 -16.96 5.54
N THR C 62 11.99 -17.04 4.36
CA THR C 62 12.67 -17.47 3.14
C THR C 62 13.89 -16.62 2.79
N LEU C 63 13.85 -15.34 3.13
CA LEU C 63 14.95 -14.45 2.80
C LEU C 63 15.54 -13.85 4.05
N ASP C 64 15.53 -14.63 5.14
CA ASP C 64 16.03 -14.16 6.41
C ASP C 64 17.52 -13.79 6.33
N SER C 65 18.29 -14.66 5.68
CA SER C 65 19.74 -14.45 5.56
C SER C 65 20.07 -13.13 4.86
N THR C 66 19.53 -12.95 3.66
CA THR C 66 19.78 -11.73 2.89
C THR C 66 19.20 -10.51 3.60
N ASN C 67 18.00 -10.64 4.16
CA ASN C 67 17.41 -9.53 4.91
C ASN C 67 18.38 -9.05 6.00
N LYS C 68 18.99 -9.97 6.74
CA LYS C 68 19.95 -9.57 7.76
C LYS C 68 21.27 -9.04 7.20
N GLU C 69 21.74 -9.60 6.08
CA GLU C 69 22.94 -9.06 5.46
C GLU C 69 22.70 -7.63 4.97
N LEU C 70 21.62 -7.45 4.20
CA LEU C 70 21.32 -6.12 3.63
C LEU C 70 21.27 -5.00 4.67
N VAL C 71 21.03 -5.34 5.93
CA VAL C 71 21.03 -4.31 6.98
C VAL C 71 22.42 -3.64 7.00
N ASN C 72 23.45 -4.45 6.73
CA ASN C 72 24.82 -3.98 6.76
C ASN C 72 25.43 -3.82 5.37
N ARG C 73 24.58 -3.48 4.40
CA ARG C 73 24.99 -3.24 3.02
C ARG C 73 24.42 -1.91 2.51
N GLN D 2 -9.07 4.68 0.08
CA GLN D 2 -10.16 5.63 -0.28
C GLN D 2 -11.20 5.77 0.82
N SER D 3 -11.15 6.89 1.52
CA SER D 3 -12.07 7.17 2.61
C SER D 3 -13.14 8.17 2.17
N ILE D 4 -14.38 7.94 2.62
CA ILE D 4 -15.51 8.83 2.34
C ILE D 4 -16.56 8.65 3.43
N ASN D 5 -17.42 9.66 3.63
CA ASN D 5 -18.45 9.55 4.66
C ASN D 5 -19.69 8.80 4.17
N PHE D 6 -20.62 8.51 5.09
CA PHE D 6 -21.81 7.72 4.75
C PHE D 6 -22.80 8.43 3.82
N ARG D 7 -22.91 9.75 3.96
CA ARG D 7 -23.75 10.54 3.06
C ARG D 7 -23.23 10.39 1.63
N THR D 8 -21.94 10.71 1.45
CA THR D 8 -21.24 10.55 0.17
C THR D 8 -21.44 9.10 -0.29
N ALA D 9 -21.29 8.17 0.65
CA ALA D 9 -21.43 6.73 0.39
C ALA D 9 -22.83 6.30 -0.11
N ARG D 10 -23.86 6.61 0.66
CA ARG D 10 -25.21 6.26 0.27
C ARG D 10 -25.68 7.08 -0.92
N GLY D 11 -25.02 8.21 -1.15
CA GLY D 11 -25.37 9.10 -2.26
C GLY D 11 -24.94 8.61 -3.63
N ASN D 12 -23.77 7.97 -3.67
CA ASN D 12 -23.21 7.44 -4.90
C ASN D 12 -22.77 5.99 -4.70
N LEU D 13 -23.71 5.18 -4.20
CA LEU D 13 -23.47 3.79 -3.87
C LEU D 13 -23.20 2.79 -5.02
N SER D 14 -23.87 3.00 -6.15
CA SER D 14 -23.60 2.25 -7.36
C SER D 14 -22.14 2.41 -7.77
N GLU D 15 -21.63 3.64 -7.73
CA GLU D 15 -20.24 3.89 -8.09
C GLU D 15 -19.27 3.34 -7.06
N VAL D 16 -19.67 3.39 -5.78
CA VAL D 16 -18.85 2.86 -4.70
C VAL D 16 -18.62 1.36 -4.90
N LEU D 17 -19.73 0.62 -4.97
CA LEU D 17 -19.71 -0.83 -5.22
C LEU D 17 -18.93 -1.24 -6.47
N ASN D 18 -18.96 -0.39 -7.50
CA ASN D 18 -18.19 -0.65 -8.73
C ASN D 18 -16.71 -0.45 -8.47
N ASN D 19 -16.37 0.63 -7.77
CA ASN D 19 -14.98 0.93 -7.42
C ASN D 19 -14.43 -0.24 -6.62
N VAL D 20 -15.28 -0.77 -5.75
CA VAL D 20 -14.95 -1.92 -4.92
C VAL D 20 -14.83 -3.19 -5.78
N GLU D 21 -15.62 -3.25 -6.85
CA GLU D 21 -15.56 -4.37 -7.78
C GLU D 21 -14.37 -4.21 -8.73
N ALA D 22 -13.47 -3.29 -8.39
CA ALA D 22 -12.26 -3.06 -9.16
C ALA D 22 -11.04 -3.07 -8.23
N GLY D 23 -11.22 -3.67 -7.06
CA GLY D 23 -10.15 -3.80 -6.08
C GLY D 23 -10.01 -2.65 -5.09
N GLU D 24 -10.96 -1.73 -5.13
CA GLU D 24 -10.94 -0.60 -4.21
C GLU D 24 -11.52 -0.94 -2.85
N GLU D 25 -10.82 -0.50 -1.80
CA GLU D 25 -11.31 -0.63 -0.43
C GLU D 25 -11.88 0.74 -0.10
N VAL D 26 -13.16 0.77 0.28
CA VAL D 26 -13.81 2.05 0.56
C VAL D 26 -14.25 2.20 2.03
N GLU D 27 -13.45 2.94 2.79
CA GLU D 27 -13.79 3.23 4.18
C GLU D 27 -15.03 4.11 4.23
N ILE D 28 -15.91 3.84 5.20
CA ILE D 28 -17.12 4.63 5.36
C ILE D 28 -17.12 5.32 6.72
N THR D 29 -16.75 6.59 6.72
CA THR D 29 -16.66 7.37 7.96
C THR D 29 -17.99 7.94 8.43
N ARG D 30 -18.07 8.26 9.72
CA ARG D 30 -19.28 8.82 10.33
C ARG D 30 -18.94 9.81 11.45
N ARG D 31 -19.76 10.85 11.58
CA ARG D 31 -19.54 11.89 12.60
C ARG D 31 -19.43 11.20 13.96
N GLY D 32 -18.23 11.32 14.55
CA GLY D 32 -18.00 10.80 15.91
C GLY D 32 -18.33 9.33 16.13
N ARG D 33 -18.13 8.50 15.10
CA ARG D 33 -18.40 7.08 15.19
C ARG D 33 -17.15 6.28 14.81
N GLU D 34 -17.25 4.95 14.91
CA GLU D 34 -16.16 4.10 14.48
C GLU D 34 -16.42 3.78 13.00
N PRO D 35 -15.43 3.98 12.11
CA PRO D 35 -15.63 3.77 10.68
C PRO D 35 -15.86 2.31 10.26
N ALA D 36 -16.39 2.14 9.04
CA ALA D 36 -16.65 0.81 8.46
C ALA D 36 -15.84 0.61 7.17
N VAL D 37 -16.02 -0.54 6.52
CA VAL D 37 -15.36 -0.84 5.25
C VAL D 37 -16.26 -1.63 4.31
N ILE D 38 -16.03 -1.46 3.00
CA ILE D 38 -16.72 -2.24 1.97
C ILE D 38 -15.72 -2.66 0.89
N VAL D 39 -15.67 -3.97 0.62
CA VAL D 39 -14.77 -4.52 -0.40
C VAL D 39 -15.44 -5.68 -1.10
N SER D 40 -14.79 -6.20 -2.14
CA SER D 40 -15.30 -7.37 -2.87
C SER D 40 -15.61 -8.53 -1.92
N LYS D 41 -16.41 -9.48 -2.38
CA LYS D 41 -16.72 -10.68 -1.60
C LYS D 41 -15.45 -11.54 -1.59
N ALA D 42 -14.89 -11.74 -2.78
CA ALA D 42 -13.67 -12.51 -2.94
C ALA D 42 -12.59 -12.00 -2.00
N THR D 43 -12.13 -10.77 -2.25
CA THR D 43 -11.07 -10.14 -1.46
C THR D 43 -11.24 -10.31 0.05
N PHE D 44 -12.47 -10.15 0.53
CA PHE D 44 -12.79 -10.31 1.95
C PHE D 44 -12.46 -11.70 2.47
N GLU D 45 -13.00 -12.71 1.82
CA GLU D 45 -12.72 -14.08 2.23
C GLU D 45 -11.25 -14.42 1.95
N ALA D 46 -10.64 -13.72 1.02
CA ALA D 46 -9.23 -13.90 0.74
C ALA D 46 -8.43 -13.57 2.01
N TYR D 47 -8.68 -12.40 2.59
CA TYR D 47 -8.01 -12.02 3.82
C TYR D 47 -8.41 -12.97 4.95
N LYS D 48 -9.71 -13.18 5.11
CA LYS D 48 -10.23 -14.11 6.12
C LYS D 48 -9.59 -15.50 6.01
N LYS D 49 -9.58 -16.06 4.80
CA LYS D 49 -9.00 -17.39 4.53
C LYS D 49 -7.49 -17.38 4.35
N ALA D 50 -6.84 -16.37 4.90
CA ALA D 50 -5.37 -16.29 4.92
C ALA D 50 -5.05 -15.93 6.38
N ALA D 51 -6.00 -15.27 7.02
CA ALA D 51 -5.90 -14.90 8.42
C ALA D 51 -6.15 -16.12 9.32
N LEU D 52 -7.21 -16.86 9.03
CA LEU D 52 -7.54 -18.04 9.82
C LEU D 52 -6.41 -19.05 9.74
N ASP D 53 -5.90 -19.24 8.52
CA ASP D 53 -4.76 -20.12 8.27
C ASP D 53 -3.56 -19.79 9.14
N ALA D 54 -3.42 -18.51 9.48
CA ALA D 54 -2.28 -18.03 10.25
C ALA D 54 -2.42 -18.19 11.78
N GLU D 55 -3.67 -18.18 12.27
CA GLU D 55 -3.87 -18.36 13.71
C GLU D 55 -4.18 -19.81 14.04
N PHE D 56 -4.46 -20.60 13.00
CA PHE D 56 -4.63 -22.05 13.17
C PHE D 56 -3.20 -22.60 13.18
N ALA D 57 -2.33 -21.95 12.40
CA ALA D 57 -0.95 -22.28 12.46
C ALA D 57 -0.24 -21.73 13.68
N SER D 58 -0.92 -20.99 14.54
CA SER D 58 -0.31 -20.37 15.71
C SER D 58 -0.41 -21.25 17.00
N LEU D 59 -1.41 -22.11 16.92
CA LEU D 59 -1.69 -23.07 17.95
C LEU D 59 -0.83 -24.24 17.61
N PHE D 60 -0.45 -24.32 16.33
CA PHE D 60 0.39 -25.40 15.84
C PHE D 60 -0.23 -26.77 15.65
N ASP D 61 -1.52 -26.77 15.34
CA ASP D 61 -2.38 -27.96 15.29
C ASP D 61 -3.04 -28.00 13.92
N THR D 62 -4.07 -27.18 13.73
CA THR D 62 -4.65 -27.02 12.40
C THR D 62 -6.17 -27.10 12.29
N LEU D 63 -6.69 -28.32 12.15
CA LEU D 63 -8.12 -28.47 11.97
C LEU D 63 -8.70 -29.83 12.32
N ASP D 64 -9.98 -29.94 12.04
CA ASP D 64 -10.65 -28.79 11.45
C ASP D 64 -11.13 -27.70 12.43
N SER D 65 -10.63 -26.49 12.20
CA SER D 65 -11.11 -25.30 12.88
C SER D 65 -11.94 -24.45 11.93
N THR D 66 -12.68 -25.11 11.07
CA THR D 66 -13.76 -24.47 10.32
C THR D 66 -15.08 -24.58 11.06
N ASN D 67 -14.89 -24.98 12.36
CA ASN D 67 -16.05 -25.12 13.23
C ASN D 67 -16.36 -23.82 14.00
N LYS D 68 -15.29 -23.16 14.50
CA LYS D 68 -15.45 -21.89 15.20
C LYS D 68 -15.85 -20.78 14.24
N GLU D 69 -16.89 -21.08 13.44
CA GLU D 69 -17.43 -20.13 12.47
C GLU D 69 -18.77 -19.33 12.63
N LEU D 70 -19.48 -19.39 13.75
CA LEU D 70 -18.99 -20.03 14.95
C LEU D 70 -20.10 -20.74 15.71
N VAL D 71 -19.66 -21.82 16.34
CA VAL D 71 -20.45 -22.71 17.19
C VAL D 71 -19.58 -23.33 18.28
N ASN D 72 -19.22 -22.52 19.27
CA ASN D 72 -18.39 -23.00 20.37
C ASN D 72 -18.17 -24.51 20.34
N UNK E 1 -6.36 -31.24 20.48
CA UNK E 1 -6.65 -30.67 21.81
C UNK E 1 -7.16 -29.23 21.69
N UNK E 2 -8.26 -29.05 20.97
CA UNK E 2 -8.74 -27.74 20.56
C UNK E 2 -9.29 -26.98 21.78
N UNK E 3 -8.32 -26.65 22.59
CA UNK E 3 -8.80 -25.71 23.61
C UNK E 3 -8.54 -24.22 23.25
N UNK E 4 -7.95 -24.03 22.09
CA UNK E 4 -7.98 -22.73 21.46
C UNK E 4 -9.34 -22.62 20.79
N UNK E 5 -10.28 -23.48 21.19
CA UNK E 5 -11.58 -23.51 20.51
C UNK E 5 -12.51 -22.56 21.24
N UNK E 6 -12.67 -22.80 22.54
CA UNK E 6 -13.47 -21.96 23.43
C UNK E 6 -12.86 -20.56 23.47
N UNK E 7 -11.58 -20.51 23.82
CA UNK E 7 -10.85 -19.25 23.91
C UNK E 7 -10.83 -18.52 22.57
N UNK E 8 -10.56 -19.25 21.48
CA UNK E 8 -10.50 -18.68 20.13
C UNK E 8 -11.86 -18.11 19.67
N UNK E 9 -12.91 -18.89 19.87
CA UNK E 9 -14.26 -18.42 19.56
C UNK E 9 -14.62 -17.20 20.40
N UNK E 10 -14.11 -17.19 21.64
CA UNK E 10 -14.34 -16.09 22.58
C UNK E 10 -13.91 -14.73 21.99
N UNK E 11 -12.76 -14.75 21.29
CA UNK E 11 -12.17 -13.57 20.67
C UNK E 11 -12.91 -12.98 19.47
N UNK E 12 -13.70 -13.83 18.78
CA UNK E 12 -14.39 -13.35 17.58
C UNK E 12 -15.91 -13.46 17.75
C ACT F . -3.12 -12.41 0.64
O ACT F . -4.08 -11.64 0.39
OXT ACT F . -2.77 -13.18 -0.28
CH3 ACT F . -2.42 -12.40 1.97
C ACT G . -17.54 8.80 -5.65
O ACT G . -16.42 9.34 -5.82
OXT ACT G . -18.08 8.29 -6.66
CH3 ACT G . -18.21 8.75 -4.30
#